data_7OBJ
#
_entry.id   7OBJ
#
_cell.length_a   63.171
_cell.length_b   63.171
_cell.length_c   81.733
_cell.angle_alpha   90.000
_cell.angle_beta   90.000
_cell.angle_gamma   120.000
#
_symmetry.space_group_name_H-M   'P 32'
#
loop_
_entity.id
_entity.type
_entity.pdbx_description
1 polymer 'Membrane-associated protein slr1513'
2 non-polymer "(2R,3R,3aS,5R,7aR,9R,10R,10aS,12R,14aR)-2,9-bis(6-amino-9H-purin-9-yl)octahydro-2H,7H-difuro[3,2-d:3',2'-j][1,3,7,9,2,8 ]tetraoxadiphosphacyclododecine-3,5,10,12-tetrol 5,12-dioxide"
3 water water
#
_entity_poly.entity_id   1
_entity_poly.type   'polypeptide(L)'
_entity_poly.pdbx_seq_one_letter_code
;MAKPANKLVIVTEKILLKKIAKIIDESGAKGYTVMNTGGKGSRNVRSSGQPNTSDIEANIKFEILTETREMAEEIADRVA
VKYFNDYAGIIYICSAEVLYGHTFCGPEGCSAWSHPQFEK
;
_entity_poly.pdbx_strand_id   A,B,C
#
# COMPACT_ATOMS: atom_id res chain seq x y z
N ALA A 2 -8.98 -14.51 11.38
CA ALA A 2 -8.20 -13.30 11.09
C ALA A 2 -7.30 -12.98 12.26
N LYS A 3 -6.03 -12.76 11.99
CA LYS A 3 -5.08 -12.44 12.99
C LYS A 3 -4.71 -10.95 12.88
N PRO A 4 -4.90 -10.18 13.96
CA PRO A 4 -4.48 -8.78 13.97
C PRO A 4 -2.99 -8.63 13.64
N ALA A 5 -2.65 -7.56 12.92
CA ALA A 5 -1.28 -7.31 12.50
C ALA A 5 -1.04 -5.82 12.33
N ASN A 6 0.19 -5.38 12.43
CA ASN A 6 0.57 -4.06 12.17
C ASN A 6 1.29 -4.14 10.84
N LYS A 7 0.97 -3.24 9.93
CA LYS A 7 1.70 -3.17 8.71
C LYS A 7 2.65 -1.97 8.84
N LEU A 8 3.95 -2.24 8.89
CA LEU A 8 4.95 -1.19 8.97
C LEU A 8 5.39 -0.91 7.57
N VAL A 9 5.44 0.35 7.21
CA VAL A 9 5.84 0.75 5.85
C VAL A 9 7.05 1.66 5.99
N ILE A 10 8.08 1.34 5.26
CA ILE A 10 9.29 2.17 5.26
C ILE A 10 9.57 2.60 3.83
N VAL A 11 9.58 3.90 3.61
CA VAL A 11 9.93 4.42 2.31
C VAL A 11 11.23 5.18 2.45
N THR A 12 12.25 4.79 1.67
CA THR A 12 13.55 5.38 1.83
C THR A 12 14.41 5.21 0.60
N GLU A 13 15.68 5.58 0.72
CA GLU A 13 16.58 5.61 -0.41
C GLU A 13 16.98 4.21 -0.78
N LYS A 14 16.98 3.96 -2.07
CA LYS A 14 17.21 2.67 -2.62
C LYS A 14 18.52 2.05 -2.16
N ILE A 15 19.54 2.86 -1.99
CA ILE A 15 20.85 2.35 -1.58
C ILE A 15 20.80 1.65 -0.20
N LEU A 16 19.75 1.88 0.59
CA LEU A 16 19.65 1.27 1.91
C LEU A 16 18.99 -0.10 1.89
N LEU A 17 18.73 -0.64 0.69
CA LEU A 17 17.87 -1.84 0.57
C LEU A 17 18.34 -2.99 1.46
N LYS A 18 19.58 -3.38 1.29
CA LYS A 18 20.16 -4.51 2.05
C LYS A 18 20.33 -4.22 3.54
N LYS A 19 20.65 -2.98 3.87
CA LYS A 19 20.83 -2.62 5.24
C LYS A 19 19.53 -2.68 6.01
N ILE A 20 18.42 -2.23 5.40
CA ILE A 20 17.15 -2.27 6.08
C ILE A 20 16.61 -3.67 6.13
N ALA A 21 16.83 -4.45 5.08
CA ALA A 21 16.44 -5.85 5.09
C ALA A 21 17.08 -6.59 6.25
N LYS A 22 18.37 -6.32 6.50
CA LYS A 22 19.11 -6.97 7.56
C LYS A 22 18.49 -6.66 8.92
N ILE A 23 18.11 -5.41 9.13
CA ILE A 23 17.42 -5.02 10.36
C ILE A 23 16.07 -5.74 10.51
N ILE A 24 15.30 -5.83 9.43
CA ILE A 24 14.03 -6.56 9.47
C ILE A 24 14.26 -8.03 9.77
N ASP A 25 15.24 -8.64 9.13
CA ASP A 25 15.56 -10.03 9.41
C ASP A 25 16.03 -10.24 10.86
N GLU A 26 16.71 -9.27 11.44
CA GLU A 26 17.17 -9.44 12.85
C GLU A 26 16.07 -9.20 13.89
N SER A 27 14.95 -8.63 13.46
CA SER A 27 13.90 -8.22 14.38
C SER A 27 12.98 -9.34 14.89
N GLY A 28 12.96 -10.48 14.22
CA GLY A 28 11.96 -11.50 14.50
C GLY A 28 10.75 -11.43 13.58
N ALA A 29 10.64 -10.38 12.79
CA ALA A 29 9.59 -10.36 11.79
C ALA A 29 9.63 -11.59 10.89
N LYS A 30 8.47 -12.05 10.46
CA LYS A 30 8.35 -13.30 9.71
C LYS A 30 8.41 -13.06 8.22
N GLY A 31 8.64 -11.83 7.77
CA GLY A 31 8.78 -11.58 6.34
C GLY A 31 8.76 -10.11 6.04
N TYR A 32 8.90 -9.79 4.78
CA TYR A 32 8.72 -8.46 4.28
C TYR A 32 8.54 -8.52 2.78
N THR A 33 7.91 -7.48 2.26
CA THR A 33 7.80 -7.25 0.84
C THR A 33 8.47 -5.91 0.56
N VAL A 34 9.13 -5.82 -0.58
CA VAL A 34 9.82 -4.59 -0.95
C VAL A 34 9.44 -4.26 -2.37
N MET A 35 9.29 -2.98 -2.68
CA MET A 35 9.02 -2.59 -4.07
C MET A 35 9.73 -1.33 -4.45
N ASN A 36 9.88 -1.16 -5.75
CA ASN A 36 10.50 0.01 -6.31
C ASN A 36 9.44 1.08 -6.53
N THR A 37 9.73 2.27 -6.02
CA THR A 37 8.80 3.36 -6.03
C THR A 37 9.56 4.56 -6.47
N GLY A 38 8.87 5.66 -6.63
CA GLY A 38 9.48 6.95 -6.82
C GLY A 38 8.89 8.02 -5.93
N GLY A 39 9.65 9.07 -5.75
CA GLY A 39 9.17 10.36 -5.30
C GLY A 39 9.82 11.43 -6.16
N LYS A 40 9.44 12.67 -5.94
CA LYS A 40 9.97 13.79 -6.81
C LYS A 40 11.48 14.02 -6.70
N GLY A 41 12.06 13.62 -5.57
CA GLY A 41 13.49 13.76 -5.32
C GLY A 41 13.79 15.15 -4.79
N SER A 42 14.85 15.26 -3.99
CA SER A 42 15.32 16.57 -3.49
C SER A 42 15.65 17.64 -4.56
N ARG A 43 16.00 17.26 -5.79
CA ARG A 43 16.43 18.25 -6.82
C ARG A 43 15.29 19.17 -7.30
N SER A 54 9.03 18.59 -11.67
CA SER A 54 10.04 18.03 -12.56
C SER A 54 9.70 16.58 -12.95
N ASP A 55 10.35 15.63 -12.29
CA ASP A 55 10.28 14.23 -12.68
C ASP A 55 10.74 13.37 -11.51
N ILE A 56 10.77 12.06 -11.73
CA ILE A 56 10.70 11.09 -10.61
C ILE A 56 12.05 10.42 -10.28
N GLU A 57 12.43 10.43 -9.01
CA GLU A 57 13.64 9.74 -8.52
C GLU A 57 13.36 8.41 -7.78
N ALA A 58 14.01 7.34 -8.22
CA ALA A 58 13.72 5.99 -7.75
C ALA A 58 14.04 5.84 -6.29
N ASN A 59 13.16 5.20 -5.54
CA ASN A 59 13.42 4.91 -4.17
C ASN A 59 12.74 3.60 -3.86
N ILE A 60 12.70 3.19 -2.61
CA ILE A 60 12.16 1.88 -2.26
C ILE A 60 11.16 1.96 -1.13
N LYS A 61 10.20 1.04 -1.15
CA LYS A 61 9.21 0.87 -0.12
C LYS A 61 9.22 -0.58 0.39
N PHE A 62 9.34 -0.72 1.72
CA PHE A 62 9.23 -1.98 2.42
C PHE A 62 7.89 -2.04 3.11
N GLU A 63 7.26 -3.21 3.08
CA GLU A 63 6.03 -3.47 3.90
C GLU A 63 6.29 -4.69 4.75
N ILE A 64 6.13 -4.55 6.07
CA ILE A 64 6.41 -5.62 7.02
C ILE A 64 5.19 -5.82 7.91
N LEU A 65 4.63 -7.03 7.92
CA LEU A 65 3.50 -7.30 8.80
C LEU A 65 4.05 -7.88 10.04
N THR A 66 3.70 -7.31 11.22
CA THR A 66 4.23 -7.79 12.50
C THR A 66 3.06 -8.18 13.39
N GLU A 67 3.28 -9.16 14.24
CA GLU A 67 2.25 -9.63 15.13
C GLU A 67 1.96 -8.58 16.24
N THR A 68 2.97 -7.81 16.64
CA THR A 68 2.81 -6.82 17.68
C THR A 68 3.24 -5.46 17.19
N ARG A 69 2.61 -4.47 17.81
CA ARG A 69 2.99 -3.08 17.63
C ARG A 69 4.43 -2.81 18.08
N GLU A 70 4.85 -3.39 19.22
CA GLU A 70 6.20 -3.11 19.69
C GLU A 70 7.28 -3.64 18.71
N MET A 71 7.07 -4.77 18.04
CA MET A 71 8.05 -5.25 17.08
C MET A 71 8.15 -4.29 15.90
N ALA A 72 7.03 -3.77 15.43
CA ALA A 72 7.08 -2.78 14.37
C ALA A 72 7.88 -1.54 14.80
N GLU A 73 7.63 -1.04 16.01
CA GLU A 73 8.35 0.15 16.49
C GLU A 73 9.83 -0.10 16.69
N GLU A 74 10.17 -1.30 17.14
CA GLU A 74 11.59 -1.69 17.31
C GLU A 74 12.30 -1.62 15.95
N ILE A 75 11.70 -2.18 14.91
CA ILE A 75 12.25 -2.05 13.56
C ILE A 75 12.38 -0.60 13.12
N ALA A 76 11.33 0.17 13.31
CA ALA A 76 11.31 1.57 12.94
C ALA A 76 12.40 2.34 13.65
N ASP A 77 12.50 2.13 14.97
CA ASP A 77 13.50 2.79 15.80
C ASP A 77 14.95 2.43 15.36
N ARG A 78 15.20 1.18 15.06
CA ARG A 78 16.53 0.73 14.63
C ARG A 78 16.88 1.34 13.26
N VAL A 79 15.94 1.34 12.32
CA VAL A 79 16.19 1.98 11.01
C VAL A 79 16.45 3.48 11.15
N ALA A 80 15.59 4.19 11.86
CA ALA A 80 15.65 5.64 11.92
C ALA A 80 16.88 6.14 12.64
N VAL A 81 17.22 5.50 13.74
CA VAL A 81 18.38 5.94 14.48
C VAL A 81 19.64 5.68 13.66
N LYS A 82 19.69 4.55 13.00
CA LYS A 82 20.88 4.20 12.29
C LYS A 82 21.03 5.02 10.98
N TYR A 83 19.95 5.43 10.30
CA TYR A 83 20.07 5.98 8.93
C TYR A 83 19.39 7.30 8.68
N PHE A 84 18.43 7.71 9.50
CA PHE A 84 17.61 8.85 9.11
C PHE A 84 18.16 10.22 9.48
N ASN A 85 19.29 10.29 10.14
CA ASN A 85 19.98 11.57 10.18
C ASN A 85 20.68 11.87 8.89
N ASP A 86 20.98 10.84 8.09
CA ASP A 86 21.78 11.01 6.89
C ASP A 86 21.04 10.69 5.60
N TYR A 87 19.93 9.97 5.68
CA TYR A 87 19.21 9.55 4.50
C TYR A 87 17.74 9.87 4.69
N ALA A 88 17.12 10.16 3.58
CA ALA A 88 15.71 10.52 3.58
C ALA A 88 14.90 9.27 3.81
N GLY A 89 13.79 9.45 4.52
CA GLY A 89 12.85 8.35 4.71
C GLY A 89 11.60 8.73 5.46
N ILE A 90 10.57 7.89 5.30
CA ILE A 90 9.39 8.02 6.10
C ILE A 90 8.97 6.61 6.57
N ILE A 91 8.54 6.51 7.83
CA ILE A 91 8.08 5.24 8.39
C ILE A 91 6.76 5.48 8.99
N TYR A 92 5.82 4.67 8.56
CA TYR A 92 4.49 4.73 9.11
C TYR A 92 3.88 3.34 9.31
N ILE A 93 2.76 3.30 10.00
CA ILE A 93 2.16 2.07 10.40
C ILE A 93 0.63 2.13 10.22
N CYS A 94 0.08 1.03 9.70
CA CYS A 94 -1.37 0.82 9.42
C CYS A 94 -1.81 -0.45 10.16
N SER A 95 -3.07 -0.55 10.53
CA SER A 95 -3.59 -1.76 11.15
CA SER A 95 -3.57 -1.76 11.15
C SER A 95 -4.08 -2.66 10.03
N ALA A 96 -3.84 -3.96 10.15
CA ALA A 96 -4.28 -4.92 9.16
C ALA A 96 -4.74 -6.18 9.92
N GLU A 97 -5.42 -7.09 9.21
CA GLU A 97 -5.70 -8.41 9.68
C GLU A 97 -5.22 -9.44 8.62
N VAL A 98 -4.45 -10.41 9.07
CA VAL A 98 -4.00 -11.46 8.20
C VAL A 98 -5.03 -12.58 8.16
N LEU A 99 -5.49 -12.89 6.95
CA LEU A 99 -6.46 -13.90 6.76
C LEU A 99 -5.80 -15.25 6.45
N TYR A 100 -4.71 -15.24 5.68
CA TYR A 100 -3.96 -16.47 5.34
C TYR A 100 -2.51 -16.14 5.29
N GLY A 101 -1.70 -17.03 5.84
CA GLY A 101 -0.26 -16.83 5.89
C GLY A 101 0.43 -17.90 6.71
N HIS A 102 0.87 -19.01 6.08
CA HIS A 102 1.44 -20.15 6.80
C HIS A 102 2.56 -19.67 7.79
N THR A 103 3.43 -18.78 7.36
CA THR A 103 4.52 -18.32 8.19
C THR A 103 4.05 -17.36 9.27
N PHE A 104 3.20 -16.42 8.91
CA PHE A 104 2.71 -15.44 9.89
C PHE A 104 1.81 -16.09 10.97
N CYS A 105 0.91 -16.98 10.59
CA CYS A 105 -0.12 -17.50 11.47
C CYS A 105 0.23 -18.85 12.07
N GLY A 106 1.21 -19.51 11.49
CA GLY A 106 1.51 -20.92 11.87
C GLY A 106 0.55 -21.93 11.27
N PRO A 107 0.80 -23.23 11.52
CA PRO A 107 -0.02 -24.28 10.91
C PRO A 107 -1.46 -24.36 11.43
N GLU A 108 -1.76 -23.82 12.62
CA GLU A 108 -3.16 -23.72 13.07
C GLU A 108 -3.99 -22.70 12.22
N GLY A 109 -3.33 -21.85 11.41
CA GLY A 109 -4.06 -20.90 10.58
C GLY A 109 -4.41 -19.62 11.35
N CYS A 110 -4.97 -18.65 10.63
CA CYS A 110 -5.20 -17.32 11.19
C CYS A 110 -6.51 -17.22 12.01
N SER A 111 -7.29 -18.30 12.03
CA SER A 111 -8.27 -18.72 13.11
C SER A 111 -9.71 -18.85 12.64
N ALA B 2 4.17 8.84 17.74
CA ALA B 2 3.40 8.54 16.49
C ALA B 2 2.50 9.72 16.20
N LYS B 3 2.52 10.17 14.97
CA LYS B 3 1.68 11.26 14.56
C LYS B 3 0.56 10.74 13.67
N PRO B 4 -0.70 11.03 14.01
CA PRO B 4 -1.81 10.59 13.16
C PRO B 4 -1.72 11.13 11.76
N ALA B 5 -2.15 10.36 10.78
CA ALA B 5 -2.07 10.72 9.41
C ALA B 5 -3.16 10.05 8.59
N ASN B 6 -3.53 10.67 7.50
CA ASN B 6 -4.39 10.04 6.57
C ASN B 6 -3.50 9.63 5.41
N LYS B 7 -3.65 8.40 4.95
CA LYS B 7 -2.94 7.99 3.76
C LYS B 7 -3.91 8.03 2.61
N LEU B 8 -3.67 8.97 1.69
CA LEU B 8 -4.53 9.11 0.54
C LEU B 8 -3.87 8.30 -0.60
N VAL B 9 -4.66 7.46 -1.25
CA VAL B 9 -4.20 6.64 -2.35
C VAL B 9 -4.97 6.99 -3.60
N ILE B 10 -4.24 7.33 -4.65
CA ILE B 10 -4.83 7.62 -5.95
C ILE B 10 -4.32 6.65 -7.00
N VAL B 11 -5.22 5.88 -7.58
CA VAL B 11 -4.84 4.92 -8.65
C VAL B 11 -5.53 5.39 -9.91
N THR B 12 -4.78 5.70 -10.91
CA THR B 12 -5.34 6.27 -12.12
C THR B 12 -4.47 6.02 -13.31
N GLU B 13 -4.83 6.61 -14.42
CA GLU B 13 -4.07 6.44 -15.66
C GLU B 13 -2.75 7.11 -15.61
N LYS B 14 -1.74 6.40 -16.10
CA LYS B 14 -0.39 6.86 -16.10
C LYS B 14 -0.16 8.22 -16.74
N ILE B 15 -0.89 8.53 -17.78
CA ILE B 15 -0.72 9.80 -18.48
C ILE B 15 -1.05 11.01 -17.58
N LEU B 16 -1.73 10.80 -16.46
CA LEU B 16 -2.05 11.91 -15.54
C LEU B 16 -0.96 12.17 -14.50
N LEU B 17 0.15 11.47 -14.62
CA LEU B 17 1.21 11.53 -13.59
C LEU B 17 1.56 12.97 -13.20
N LYS B 18 2.01 13.74 -14.16
CA LYS B 18 2.48 15.10 -13.87
C LYS B 18 1.37 16.06 -13.39
N LYS B 19 0.17 15.88 -13.94
CA LYS B 19 -0.92 16.69 -13.56
C LYS B 19 -1.28 16.44 -12.10
N ILE B 20 -1.27 15.21 -11.66
CA ILE B 20 -1.61 14.88 -10.33
C ILE B 20 -0.50 15.27 -9.37
N ALA B 21 0.75 15.07 -9.75
CA ALA B 21 1.85 15.54 -8.94
C ALA B 21 1.79 17.06 -8.68
N LYS B 22 1.40 17.83 -9.69
CA LYS B 22 1.27 19.26 -9.56
CA LYS B 22 1.27 19.26 -9.56
C LYS B 22 0.18 19.61 -8.55
N ILE B 23 -0.95 18.94 -8.62
CA ILE B 23 -2.02 19.13 -7.63
C ILE B 23 -1.51 18.78 -6.21
N ILE B 24 -0.78 17.69 -6.06
CA ILE B 24 -0.28 17.34 -4.75
C ILE B 24 0.70 18.39 -4.26
N ASP B 25 1.58 18.87 -5.12
CA ASP B 25 2.50 19.89 -4.74
C ASP B 25 1.81 21.21 -4.41
N GLU B 26 0.69 21.53 -5.06
CA GLU B 26 -0.04 22.77 -4.72
C GLU B 26 -0.87 22.64 -3.46
N SER B 27 -1.08 21.44 -2.99
CA SER B 27 -1.94 21.22 -1.83
C SER B 27 -1.33 21.63 -0.46
N GLY B 28 -0.02 21.78 -0.35
CA GLY B 28 0.67 21.83 0.95
C GLY B 28 1.19 20.48 1.48
N ALA B 29 0.80 19.38 0.85
CA ALA B 29 1.30 18.08 1.28
C ALA B 29 2.81 18.10 1.32
N LYS B 30 3.38 17.34 2.24
CA LYS B 30 4.82 17.34 2.45
C LYS B 30 5.52 16.28 1.62
N GLY B 31 4.84 15.56 0.76
CA GLY B 31 5.51 14.61 -0.10
C GLY B 31 4.52 13.65 -0.70
N TYR B 32 5.03 12.76 -1.52
CA TYR B 32 4.21 11.67 -2.04
C TYR B 32 5.17 10.57 -2.54
N THR B 33 4.62 9.39 -2.67
CA THR B 33 5.28 8.29 -3.32
C THR B 33 4.40 7.91 -4.49
N VAL B 34 5.01 7.51 -5.57
CA VAL B 34 4.29 7.12 -6.77
C VAL B 34 4.90 5.79 -7.26
N MET B 35 4.05 4.93 -7.81
CA MET B 35 4.54 3.66 -8.36
C MET B 35 3.76 3.25 -9.57
N ASN B 36 4.41 2.50 -10.42
CA ASN B 36 3.79 1.83 -11.53
C ASN B 36 2.97 0.63 -11.02
N THR B 37 1.77 0.46 -11.56
CA THR B 37 0.96 -0.67 -11.29
C THR B 37 0.26 -1.10 -12.55
N GLY B 38 -0.35 -2.28 -12.48
CA GLY B 38 -1.29 -2.72 -13.50
C GLY B 38 -2.70 -2.63 -12.90
N GLY B 39 -3.67 -2.31 -13.75
CA GLY B 39 -5.06 -2.09 -13.35
C GLY B 39 -5.99 -2.77 -14.31
N LYS B 40 -6.95 -3.55 -13.78
CA LYS B 40 -8.19 -3.98 -14.46
C LYS B 40 -9.42 -3.36 -13.77
N GLY B 41 -10.36 -2.83 -14.58
CA GLY B 41 -11.71 -2.38 -14.08
C GLY B 41 -12.86 -2.92 -14.92
N SER B 42 -13.91 -3.45 -14.28
CA SER B 42 -14.91 -4.35 -14.93
C SER B 42 -15.75 -3.70 -16.03
N THR B 53 -5.48 -12.11 -24.92
CA THR B 53 -5.63 -10.66 -24.73
C THR B 53 -5.88 -10.27 -23.28
N SER B 54 -4.81 -10.01 -22.54
CA SER B 54 -5.00 -9.60 -21.18
C SER B 54 -5.64 -8.21 -21.20
N ASP B 55 -6.43 -7.94 -20.18
CA ASP B 55 -7.21 -6.73 -20.06
C ASP B 55 -6.60 -5.77 -19.05
N ILE B 56 -5.44 -6.14 -18.57
CA ILE B 56 -4.78 -5.31 -17.58
C ILE B 56 -4.18 -4.11 -18.34
N GLU B 57 -4.16 -2.97 -17.72
CA GLU B 57 -3.60 -1.80 -18.34
C GLU B 57 -2.63 -1.28 -17.35
N ALA B 58 -1.74 -0.43 -17.84
CA ALA B 58 -0.77 0.23 -17.01
C ALA B 58 -1.31 1.46 -16.36
N ASN B 59 -1.07 1.58 -15.06
CA ASN B 59 -1.63 2.61 -14.28
C ASN B 59 -0.53 3.13 -13.38
N ILE B 60 -0.88 4.13 -12.61
N ILE B 60 -0.88 4.15 -12.63
CA ILE B 60 -0.01 4.61 -11.61
CA ILE B 60 -0.02 4.78 -11.67
C ILE B 60 -0.78 4.73 -10.33
C ILE B 60 -0.76 4.80 -10.34
N LYS B 61 -0.04 4.55 -9.24
CA LYS B 61 -0.56 4.67 -7.90
C LYS B 61 0.30 5.69 -7.14
N PHE B 62 -0.37 6.72 -6.62
CA PHE B 62 0.20 7.71 -5.70
C PHE B 62 -0.25 7.42 -4.27
N GLU B 63 0.67 7.60 -3.32
CA GLU B 63 0.38 7.52 -1.89
C GLU B 63 0.86 8.78 -1.23
N ILE B 64 -0.07 9.49 -0.56
CA ILE B 64 0.22 10.81 0.06
C ILE B 64 -0.19 10.77 1.52
N LEU B 65 0.73 11.00 2.43
CA LEU B 65 0.36 11.06 3.85
C LEU B 65 0.10 12.50 4.17
N THR B 66 -1.08 12.79 4.76
CA THR B 66 -1.47 14.16 5.10
C THR B 66 -1.73 14.25 6.60
N GLU B 67 -1.38 15.37 7.17
CA GLU B 67 -1.60 15.60 8.56
C GLU B 67 -3.11 15.69 8.88
N THR B 68 -3.91 16.23 7.96
CA THR B 68 -5.35 16.34 8.20
C THR B 68 -6.15 15.65 7.13
N ARG B 69 -7.33 15.26 7.56
CA ARG B 69 -8.33 14.68 6.69
C ARG B 69 -8.76 15.68 5.61
N GLU B 70 -8.85 16.95 5.97
CA GLU B 70 -9.31 17.96 5.04
C GLU B 70 -8.34 18.12 3.90
N MET B 71 -7.04 18.10 4.17
CA MET B 71 -6.08 18.21 3.08
C MET B 71 -6.21 17.01 2.14
N ALA B 72 -6.39 15.82 2.68
CA ALA B 72 -6.51 14.66 1.81
C ALA B 72 -7.71 14.83 0.91
N GLU B 73 -8.83 15.25 1.48
CA GLU B 73 -10.06 15.43 0.69
C GLU B 73 -9.94 16.51 -0.37
N GLU B 74 -9.26 17.60 -0.06
CA GLU B 74 -8.97 18.64 -1.04
C GLU B 74 -8.23 18.09 -2.24
N ILE B 75 -7.18 17.31 -2.02
CA ILE B 75 -6.43 16.72 -3.10
C ILE B 75 -7.32 15.79 -3.88
N ALA B 76 -8.05 14.92 -3.19
CA ALA B 76 -8.94 13.97 -3.85
C ALA B 76 -9.96 14.67 -4.68
N ASP B 77 -10.59 15.70 -4.10
CA ASP B 77 -11.67 16.43 -4.76
C ASP B 77 -11.10 17.11 -6.00
N ARG B 78 -9.94 17.70 -5.88
CA ARG B 78 -9.40 18.44 -7.01
C ARG B 78 -9.03 17.49 -8.17
N VAL B 79 -8.38 16.40 -7.87
CA VAL B 79 -8.08 15.39 -8.89
C VAL B 79 -9.32 14.86 -9.57
N ALA B 80 -10.32 14.46 -8.78
CA ALA B 80 -11.53 13.87 -9.34
C ALA B 80 -12.30 14.84 -10.19
N VAL B 81 -12.47 16.09 -9.72
CA VAL B 81 -13.26 17.03 -10.43
C VAL B 81 -12.57 17.37 -11.74
N LYS B 82 -11.26 17.44 -11.75
CA LYS B 82 -10.56 17.77 -12.97
C LYS B 82 -10.53 16.60 -13.98
N TYR B 83 -10.43 15.38 -13.53
CA TYR B 83 -9.99 14.27 -14.41
C TYR B 83 -10.84 13.08 -14.41
N PHE B 84 -11.68 12.88 -13.41
CA PHE B 84 -12.35 11.60 -13.32
C PHE B 84 -13.62 11.51 -14.13
N ASN B 85 -14.03 12.59 -14.75
CA ASN B 85 -15.09 12.43 -15.74
C ASN B 85 -14.56 11.69 -16.96
N ASP B 86 -13.28 11.89 -17.25
CA ASP B 86 -12.72 11.50 -18.52
C ASP B 86 -11.73 10.34 -18.38
N TYR B 87 -11.23 10.07 -17.18
CA TYR B 87 -10.15 9.11 -16.99
C TYR B 87 -10.56 8.23 -15.84
N ALA B 88 -10.16 6.98 -15.95
CA ALA B 88 -10.46 5.97 -14.96
C ALA B 88 -9.56 6.22 -13.72
N GLY B 89 -10.15 5.97 -12.58
CA GLY B 89 -9.44 6.19 -11.32
C GLY B 89 -10.20 5.76 -10.11
N ILE B 90 -9.47 5.54 -9.03
CA ILE B 90 -10.03 5.33 -7.73
C ILE B 90 -9.18 6.08 -6.67
N ILE B 91 -9.87 6.67 -5.69
CA ILE B 91 -9.21 7.39 -4.61
C ILE B 91 -9.82 6.90 -3.36
N TYR B 92 -8.93 6.52 -2.43
CA TYR B 92 -9.34 6.10 -1.15
C TYR B 92 -8.39 6.57 -0.07
N ILE B 93 -8.81 6.36 1.16
CA ILE B 93 -8.08 6.85 2.29
C ILE B 93 -8.04 5.77 3.38
N CYS B 94 -6.88 5.64 4.01
CA CYS B 94 -6.56 4.68 5.10
C CYS B 94 -6.01 5.52 6.26
N SER B 95 -6.18 5.07 7.48
CA SER B 95 -5.65 5.77 8.63
C SER B 95 -4.27 5.18 8.80
N ALA B 96 -3.33 6.03 9.17
CA ALA B 96 -1.98 5.62 9.44
C ALA B 96 -1.44 6.45 10.57
N GLU B 97 -0.34 5.99 11.14
CA GLU B 97 0.43 6.76 12.09
C GLU B 97 1.88 6.81 11.63
N VAL B 98 2.44 8.01 11.58
CA VAL B 98 3.81 8.20 11.15
C VAL B 98 4.66 8.12 12.34
N LEU B 99 5.64 7.23 12.27
CA LEU B 99 6.59 7.06 13.37
C LEU B 99 7.83 7.86 13.16
N TYR B 100 8.26 8.00 11.91
CA TYR B 100 9.46 8.79 11.59
C TYR B 100 9.26 9.45 10.28
N GLY B 101 9.72 10.69 10.20
CA GLY B 101 9.58 11.41 8.95
C GLY B 101 9.96 12.85 9.17
N HIS B 102 11.23 13.17 8.91
CA HIS B 102 11.75 14.51 9.14
C HIS B 102 10.88 15.61 8.58
N THR B 103 10.40 15.42 7.36
CA THR B 103 9.58 16.42 6.72
C THR B 103 8.15 16.42 7.22
N PHE B 104 7.58 15.24 7.39
CA PHE B 104 6.19 15.13 7.86
C PHE B 104 6.00 15.59 9.31
N CYS B 105 6.91 15.24 10.21
CA CYS B 105 6.79 15.51 11.65
C CYS B 105 7.53 16.76 12.13
N GLY B 106 8.42 17.25 11.28
CA GLY B 106 9.33 18.33 11.67
C GLY B 106 10.49 17.79 12.45
N PRO B 107 11.45 18.66 12.72
CA PRO B 107 12.64 18.21 13.45
C PRO B 107 12.40 17.80 14.90
N GLU B 108 11.29 18.20 15.54
CA GLU B 108 10.97 17.68 16.90
C GLU B 108 10.61 16.18 16.88
N GLY B 109 10.33 15.63 15.70
CA GLY B 109 9.99 14.21 15.57
C GLY B 109 8.51 13.95 15.77
N CYS B 110 8.10 12.70 15.59
CA CYS B 110 6.68 12.31 15.59
C CYS B 110 6.10 11.96 16.96
N SER B 111 6.89 11.96 17.99
CA SER B 111 6.34 11.80 19.32
C SER B 111 6.95 12.84 20.16
N ALA B 112 6.65 14.10 19.85
CA ALA B 112 7.00 15.21 20.75
C ALA B 112 5.85 15.23 21.77
N TRP B 113 6.00 15.96 22.86
CA TRP B 113 4.97 15.89 23.90
C TRP B 113 4.05 17.11 23.88
N SER B 114 4.31 18.13 24.71
CA SER B 114 3.58 19.42 24.66
C SER B 114 3.65 20.13 26.02
N ALA C 2 -17.89 9.18 1.52
CA ALA C 2 -16.88 8.09 1.66
C ALA C 2 -17.59 6.77 1.87
N LYS C 3 -17.21 5.77 1.11
CA LYS C 3 -17.81 4.48 1.19
C LYS C 3 -16.83 3.50 1.84
N PRO C 4 -17.25 2.85 2.94
CA PRO C 4 -16.38 1.87 3.60
C PRO C 4 -16.02 0.76 2.66
N ALA C 5 -14.80 0.27 2.78
CA ALA C 5 -14.34 -0.72 1.92
C ALA C 5 -13.33 -1.53 2.69
N ASN C 6 -13.19 -2.77 2.30
CA ASN C 6 -12.12 -3.60 2.74
C ASN C 6 -11.11 -3.61 1.62
N LYS C 7 -9.86 -3.36 1.95
CA LYS C 7 -8.83 -3.50 0.97
C LYS C 7 -8.14 -4.85 1.19
N LEU C 8 -8.32 -5.76 0.23
CA LEU C 8 -7.78 -7.11 0.33
C LEU C 8 -6.44 -7.11 -0.43
N VAL C 9 -5.40 -7.61 0.21
CA VAL C 9 -4.09 -7.61 -0.38
C VAL C 9 -3.65 -9.07 -0.46
N ILE C 10 -3.18 -9.45 -1.63
CA ILE C 10 -2.64 -10.75 -1.87
C ILE C 10 -1.23 -10.68 -2.37
N VAL C 11 -0.27 -11.19 -1.59
CA VAL C 11 1.10 -11.21 -2.03
C VAL C 11 1.52 -12.66 -2.27
N THR C 12 2.01 -12.96 -3.48
CA THR C 12 2.28 -14.30 -3.85
C THR C 12 3.27 -14.44 -4.96
N GLU C 13 3.42 -15.67 -5.46
CA GLU C 13 4.36 -15.96 -6.51
C GLU C 13 3.85 -15.40 -7.83
N LYS C 14 4.76 -14.84 -8.56
CA LYS C 14 4.46 -14.18 -9.83
C LYS C 14 3.82 -15.10 -10.85
N ILE C 15 4.18 -16.38 -10.84
CA ILE C 15 3.57 -17.33 -11.77
C ILE C 15 2.07 -17.50 -11.60
N LEU C 16 1.52 -17.05 -10.47
CA LEU C 16 0.08 -17.21 -10.21
C LEU C 16 -0.74 -16.01 -10.70
N LEU C 17 -0.11 -15.10 -11.42
CA LEU C 17 -0.77 -13.82 -11.77
C LEU C 17 -2.12 -14.04 -12.47
N LYS C 18 -2.11 -14.73 -13.57
CA LYS C 18 -3.35 -14.97 -14.29
C LYS C 18 -4.37 -15.81 -13.52
N LYS C 19 -3.89 -16.77 -12.76
CA LYS C 19 -4.79 -17.66 -12.03
C LYS C 19 -5.58 -16.90 -10.95
N ILE C 20 -4.90 -16.01 -10.27
CA ILE C 20 -5.55 -15.23 -9.22
C ILE C 20 -6.43 -14.18 -9.80
N ALA C 21 -5.97 -13.53 -10.87
CA ALA C 21 -6.79 -12.58 -11.55
C ALA C 21 -8.14 -13.21 -11.97
N LYS C 22 -8.09 -14.44 -12.48
CA LYS C 22 -9.31 -15.13 -12.89
C LYS C 22 -10.29 -15.26 -11.73
N ILE C 23 -9.78 -15.63 -10.57
CA ILE C 23 -10.61 -15.71 -9.36
C ILE C 23 -11.21 -14.35 -8.98
N ILE C 24 -10.40 -13.31 -9.00
CA ILE C 24 -10.89 -11.99 -8.67
C ILE C 24 -11.96 -11.55 -9.68
N ASP C 25 -11.74 -11.83 -10.97
CA ASP C 25 -12.75 -11.53 -12.00
C ASP C 25 -14.04 -12.33 -11.84
N GLU C 26 -13.95 -13.57 -11.37
CA GLU C 26 -15.18 -14.33 -11.12
C GLU C 26 -15.94 -13.91 -9.84
N SER C 27 -15.27 -13.20 -8.95
CA SER C 27 -15.82 -12.90 -7.63
C SER C 27 -16.89 -11.84 -7.59
N GLY C 28 -16.99 -11.03 -8.65
CA GLY C 28 -17.86 -9.86 -8.55
C GLY C 28 -17.11 -8.60 -8.13
N ALA C 29 -15.86 -8.73 -7.68
CA ALA C 29 -15.07 -7.55 -7.41
C ALA C 29 -15.01 -6.68 -8.61
N LYS C 30 -15.00 -5.38 -8.37
CA LYS C 30 -15.15 -4.42 -9.46
C LYS C 30 -13.85 -4.21 -10.28
N GLY C 31 -12.76 -4.78 -9.78
CA GLY C 31 -11.44 -4.48 -10.31
C GLY C 31 -10.36 -4.81 -9.32
N TYR C 32 -9.12 -4.58 -9.73
CA TYR C 32 -7.99 -4.87 -8.92
C TYR C 32 -6.82 -4.10 -9.46
N THR C 33 -5.84 -3.92 -8.62
CA THR C 33 -4.54 -3.46 -9.07
C THR C 33 -3.53 -4.56 -8.73
N VAL C 34 -2.52 -4.68 -9.56
CA VAL C 34 -1.51 -5.66 -9.36
C VAL C 34 -0.15 -4.99 -9.60
N MET C 35 0.81 -5.32 -8.77
CA MET C 35 2.15 -4.73 -8.97
CA MET C 35 2.14 -4.69 -8.81
C MET C 35 3.23 -5.75 -8.75
N ASN C 36 4.36 -5.48 -9.34
CA ASN C 36 5.55 -6.28 -9.14
C ASN C 36 6.20 -5.85 -7.85
N THR C 37 6.52 -6.82 -7.01
CA THR C 37 7.20 -6.60 -5.72
C THR C 37 8.31 -7.60 -5.57
N GLY C 38 9.08 -7.51 -4.51
CA GLY C 38 10.02 -8.56 -4.17
C GLY C 38 9.94 -8.96 -2.71
N GLY C 39 10.54 -10.12 -2.44
CA GLY C 39 10.96 -10.50 -1.11
C GLY C 39 12.23 -11.32 -1.22
N LYS C 40 12.76 -11.76 -0.09
CA LYS C 40 14.07 -12.44 -0.08
C LYS C 40 14.08 -13.76 -0.82
N GLY C 41 12.90 -14.38 -0.94
CA GLY C 41 12.73 -15.64 -1.60
C GLY C 41 13.04 -16.77 -0.65
N SER C 42 12.35 -17.89 -0.80
CA SER C 42 12.61 -19.07 0.05
C SER C 42 14.07 -19.61 -0.01
N ARG C 43 14.83 -19.32 -1.08
CA ARG C 43 16.25 -19.76 -1.23
C ARG C 43 17.13 -19.35 -0.04
N ASP C 55 19.48 -11.86 -5.03
CA ASP C 55 19.17 -11.73 -3.60
C ASP C 55 17.66 -11.45 -3.29
N ILE C 56 17.07 -10.48 -4.00
CA ILE C 56 15.61 -10.26 -3.97
C ILE C 56 14.97 -11.09 -5.08
N GLU C 57 13.92 -11.83 -4.75
CA GLU C 57 13.15 -12.60 -5.73
C GLU C 57 11.81 -11.93 -6.08
N ALA C 58 11.58 -11.70 -7.37
CA ALA C 58 10.38 -11.02 -7.84
C ALA C 58 9.15 -11.81 -7.49
N ASN C 59 8.13 -11.10 -6.98
CA ASN C 59 6.86 -11.69 -6.73
C ASN C 59 5.75 -10.67 -7.07
N ILE C 60 4.50 -10.90 -6.70
CA ILE C 60 3.43 -9.98 -7.09
C ILE C 60 2.51 -9.68 -5.94
N LYS C 61 1.92 -8.50 -6.00
CA LYS C 61 0.97 -8.03 -5.01
C LYS C 61 -0.31 -7.51 -5.70
N PHE C 62 -1.45 -8.09 -5.32
CA PHE C 62 -2.75 -7.68 -5.78
C PHE C 62 -3.39 -6.86 -4.70
N GLU C 63 -4.13 -5.82 -5.10
CA GLU C 63 -4.98 -5.03 -4.14
C GLU C 63 -6.37 -4.95 -4.70
N ILE C 64 -7.35 -5.44 -3.94
CA ILE C 64 -8.73 -5.47 -4.38
C ILE C 64 -9.61 -4.71 -3.31
N LEU C 65 -10.40 -3.75 -3.75
CA LEU C 65 -11.31 -3.07 -2.79
C LEU C 65 -12.63 -3.77 -2.93
N THR C 66 -13.18 -4.24 -1.81
CA THR C 66 -14.49 -4.87 -1.80
C THR C 66 -15.47 -4.10 -0.93
N GLU C 67 -16.72 -4.11 -1.35
CA GLU C 67 -17.75 -3.40 -0.65
C GLU C 67 -18.05 -4.08 0.66
N THR C 68 -17.90 -5.39 0.73
CA THR C 68 -18.17 -6.09 1.97
C THR C 68 -16.96 -6.90 2.41
N ARG C 69 -16.93 -7.12 3.71
CA ARG C 69 -15.98 -8.00 4.33
C ARG C 69 -16.17 -9.45 3.83
N GLU C 70 -17.41 -9.88 3.65
CA GLU C 70 -17.69 -11.23 3.20
C GLU C 70 -17.16 -11.50 1.80
N MET C 71 -17.22 -10.53 0.89
CA MET C 71 -16.66 -10.73 -0.44
C MET C 71 -15.13 -10.88 -0.33
N ALA C 72 -14.49 -10.04 0.49
CA ALA C 72 -13.04 -10.14 0.62
C ALA C 72 -12.62 -11.49 1.17
N GLU C 73 -13.37 -11.98 2.16
CA GLU C 73 -13.10 -13.30 2.71
C GLU C 73 -13.35 -14.48 1.75
N GLU C 74 -14.40 -14.41 0.94
CA GLU C 74 -14.65 -15.36 -0.12
C GLU C 74 -13.50 -15.42 -1.11
N ILE C 75 -13.04 -14.28 -1.61
CA ILE C 75 -11.84 -14.25 -2.50
C ILE C 75 -10.65 -14.86 -1.80
N ALA C 76 -10.39 -14.44 -0.55
CA ALA C 76 -9.24 -14.89 0.17
C ALA C 76 -9.30 -16.39 0.35
N ASP C 77 -10.46 -16.88 0.72
CA ASP C 77 -10.66 -18.29 0.95
C ASP C 77 -10.42 -19.05 -0.32
N ARG C 78 -10.94 -18.55 -1.43
CA ARG C 78 -10.79 -19.28 -2.67
C ARG C 78 -9.32 -19.36 -3.13
N VAL C 79 -8.63 -18.23 -3.10
CA VAL C 79 -7.22 -18.16 -3.50
C VAL C 79 -6.37 -19.06 -2.61
N ALA C 80 -6.59 -18.95 -1.30
CA ALA C 80 -5.77 -19.62 -0.36
C ALA C 80 -5.93 -21.14 -0.45
N VAL C 81 -7.16 -21.60 -0.59
CA VAL C 81 -7.41 -23.05 -0.67
C VAL C 81 -6.84 -23.59 -1.98
N LYS C 82 -7.04 -22.85 -3.05
CA LYS C 82 -6.68 -23.34 -4.33
C LYS C 82 -5.15 -23.30 -4.54
N TYR C 83 -4.43 -22.38 -3.89
CA TYR C 83 -3.02 -22.19 -4.20
C TYR C 83 -2.06 -22.16 -3.04
N PHE C 84 -2.48 -21.79 -1.86
CA PHE C 84 -1.52 -21.49 -0.79
C PHE C 84 -1.11 -22.64 0.10
N ASN C 85 -1.60 -23.84 -0.18
CA ASN C 85 -0.95 -25.01 0.31
C ASN C 85 0.13 -25.51 -0.62
N ASP C 86 0.25 -24.96 -1.84
CA ASP C 86 1.23 -25.39 -2.80
C ASP C 86 2.24 -24.32 -3.21
N TYR C 87 1.90 -23.05 -3.01
CA TYR C 87 2.68 -21.89 -3.38
C TYR C 87 2.70 -20.96 -2.18
N ALA C 88 3.73 -20.14 -2.10
CA ALA C 88 3.86 -19.19 -1.02
C ALA C 88 2.90 -18.03 -1.27
N GLY C 89 2.34 -17.53 -0.20
CA GLY C 89 1.40 -16.42 -0.29
C GLY C 89 0.90 -15.94 1.04
N ILE C 90 0.60 -14.65 1.07
CA ILE C 90 -0.01 -14.08 2.28
C ILE C 90 -1.20 -13.25 1.81
N ILE C 91 -2.29 -13.32 2.59
CA ILE C 91 -3.46 -12.47 2.35
C ILE C 91 -3.82 -11.74 3.60
N TYR C 92 -4.03 -10.43 3.45
CA TYR C 92 -4.43 -9.59 4.49
C TYR C 92 -5.41 -8.53 4.07
N ILE C 93 -6.01 -7.92 5.07
CA ILE C 93 -7.09 -7.01 4.83
C ILE C 93 -6.91 -5.78 5.70
N CYS C 94 -7.16 -4.62 5.10
CA CYS C 94 -7.05 -3.26 5.71
C CYS C 94 -8.40 -2.55 5.50
N SER C 95 -8.77 -1.62 6.37
CA SER C 95 -9.99 -0.87 6.22
C SER C 95 -9.62 0.34 5.43
N ALA C 96 -10.47 0.70 4.47
CA ALA C 96 -10.27 1.90 3.65
C ALA C 96 -11.62 2.58 3.50
N GLU C 97 -11.59 3.85 3.13
CA GLU C 97 -12.79 4.50 2.68
C GLU C 97 -12.56 5.08 1.29
N VAL C 98 -13.45 4.76 0.37
CA VAL C 98 -13.32 5.16 -1.01
C VAL C 98 -14.00 6.50 -1.11
N LEU C 99 -13.28 7.47 -1.61
CA LEU C 99 -13.81 8.77 -1.82
C LEU C 99 -14.35 8.93 -3.20
N TYR C 100 -13.71 8.33 -4.17
CA TYR C 100 -14.09 8.42 -5.60
C TYR C 100 -13.78 7.11 -6.28
N GLY C 101 -14.69 6.70 -7.16
CA GLY C 101 -14.48 5.44 -7.88
C GLY C 101 -15.73 5.02 -8.59
N HIS C 102 -15.87 5.45 -9.85
CA HIS C 102 -17.12 5.29 -10.60
C HIS C 102 -17.61 3.86 -10.57
N THR C 103 -16.71 2.95 -10.76
CA THR C 103 -17.02 1.56 -10.78
C THR C 103 -17.34 1.03 -9.38
N PHE C 104 -16.51 1.38 -8.38
CA PHE C 104 -16.69 0.88 -7.03
C PHE C 104 -17.91 1.42 -6.37
N CYS C 105 -18.17 2.71 -6.52
CA CYS C 105 -19.24 3.36 -5.81
C CYS C 105 -20.51 3.34 -6.60
N GLY C 106 -20.40 3.10 -7.89
CA GLY C 106 -21.55 3.17 -8.78
C GLY C 106 -21.89 4.60 -9.11
N PRO C 107 -22.95 4.79 -9.91
CA PRO C 107 -23.33 6.13 -10.33
C PRO C 107 -23.91 6.97 -9.20
N GLU C 108 -24.38 6.36 -8.10
CA GLU C 108 -24.78 7.10 -6.91
C GLU C 108 -23.60 7.83 -6.23
N GLY C 109 -22.36 7.48 -6.59
CA GLY C 109 -21.19 8.10 -5.99
C GLY C 109 -20.88 7.50 -4.63
N CYS C 110 -19.79 7.96 -4.03
CA CYS C 110 -19.36 7.41 -2.74
C CYS C 110 -20.13 7.92 -1.49
N SER C 111 -21.37 8.34 -1.57
CA SER C 111 -22.05 8.69 -0.29
C SER C 111 -22.70 7.47 0.31
N ALA C 112 -21.89 6.41 0.43
CA ALA C 112 -22.38 5.04 0.56
C ALA C 112 -21.83 4.38 1.84
#